data_6F3G
#
_entry.id   6F3G
#
_cell.length_a   87.512
_cell.length_b   110.277
_cell.length_c   142.133
_cell.angle_alpha   90.00
_cell.angle_beta   90.00
_cell.angle_gamma   90.00
#
_symmetry.space_group_name_H-M   'I 2 2 2'
#
loop_
_entity.id
_entity.type
_entity.pdbx_description
1 polymer 'Interleukin-1 receptor-associated kinase 4'
2 polymer 'Interleukin-1 receptor-associated kinase 4'
3 non-polymer ~{N}4,~{N}4-dimethyl-~{N}1-(5-propan-2-ylpyrrolo[3,2-d]pyrimidin-4-yl)cyclohexane-1,4-diamine
4 non-polymer 'SULFATE ION'
5 water water
#
loop_
_entity_poly.entity_id
_entity_poly.type
_entity_poly.pdbx_seq_one_letter_code
_entity_poly.pdbx_strand_id
1 'polypeptide(L)'
;RFHSFSFYELKNVTNNFDERPISVGGNKMGEGGFGVVYKGYVNNTTVAVKKLAAMVDITTEELKQQFDQEIKVMAKCQHE
NLVELLGFSSDGDDLCLVYVYMPNGSLLDRLSCLDGTPPLSWHMRCKIAQGAANGINFLHENHHIHRDIKSANILLDEAF
TAKISDFGLARASEKFAQ(TPO)VM(TPO)(SEP)RIVGTTAYMAPEALRGEITPKSDIYSFGVVLLEIITGLPAVDEHR
EPQLLLDIKEEIEDEEKTIEDYIDKKMNDADSTSVEAMYSVASQCLHEKKNKRPDIKKVQQLLQEMT
;
A
2 'polypeptide(L)'
;RFHSFSFYELKNVTNNFDERPISVGGNKMGEGGFGVVYKGYVNNTTVAVKKLAAMVDITTEELKQQFDQEIKVMAKCQHE
NLVELLGFSSDGDDLCLVYVYMPNGSLLDRLSCLDGTPPLSWHMRCKIAQGAANGINFLHENHHIHRDIKSANILLDEAF
TAKISDFGLARASEKFAQTVM(TPO)(SEP)RIVGTTAYMAPEALRGEITPKSDIYSFGVVLLEIITGLPAVDEHREPQL
LLDIKEEIEDEEKTIEDYIDKKMNDADSTSVEAMYSVASQCLHEKKNKRPDIKKVQQLLQEMT
;
B
#
loop_
_chem_comp.id
_chem_comp.type
_chem_comp.name
_chem_comp.formula
CJN non-polymer ~{N}4,~{N}4-dimethyl-~{N}1-(5-propan-2-ylpyrrolo[3,2-d]pyrimidin-4-yl)cyclohexane-1,4-diamine 'C17 H27 N5'
SO4 non-polymer 'SULFATE ION' 'O4 S -2'
#
# COMPACT_ATOMS: atom_id res chain seq x y z
N ARG A 1 40.45 -13.16 -7.47
CA ARG A 1 39.17 -12.78 -8.05
C ARG A 1 38.04 -13.56 -7.34
N PHE A 2 37.18 -14.28 -8.08
CA PHE A 2 36.06 -15.03 -7.49
C PHE A 2 36.25 -16.52 -7.56
N HIS A 3 35.70 -17.20 -6.55
CA HIS A 3 35.71 -18.64 -6.41
C HIS A 3 34.61 -19.21 -7.31
N SER A 4 34.85 -20.42 -7.80
CA SER A 4 33.91 -21.20 -8.60
C SER A 4 33.19 -22.12 -7.63
N PHE A 5 31.90 -22.34 -7.86
CA PHE A 5 31.10 -23.27 -7.08
C PHE A 5 30.73 -24.39 -8.03
N SER A 6 30.68 -25.63 -7.52
CA SER A 6 30.21 -26.75 -8.33
C SER A 6 28.71 -26.54 -8.51
N PHE A 7 28.22 -26.82 -9.71
CA PHE A 7 26.80 -26.75 -10.04
C PHE A 7 26.01 -27.61 -9.04
N TYR A 8 26.56 -28.79 -8.70
CA TYR A 8 25.98 -29.74 -7.76
C TYR A 8 25.95 -29.23 -6.32
N GLU A 9 26.95 -28.41 -5.89
CA GLU A 9 26.92 -27.80 -4.55
C GLU A 9 25.73 -26.85 -4.48
N LEU A 10 25.57 -25.97 -5.51
CA LEU A 10 24.47 -24.99 -5.57
C LEU A 10 23.12 -25.67 -5.65
N LYS A 11 23.03 -26.76 -6.44
CA LYS A 11 21.82 -27.57 -6.58
C LYS A 11 21.44 -28.12 -5.19
N ASN A 12 22.42 -28.61 -4.46
CA ASN A 12 22.17 -29.19 -3.15
C ASN A 12 21.79 -28.20 -2.05
N VAL A 13 22.27 -26.96 -2.11
CA VAL A 13 21.96 -25.96 -1.08
C VAL A 13 20.65 -25.16 -1.37
N THR A 14 20.04 -25.36 -2.57
CA THR A 14 18.80 -24.70 -2.97
C THR A 14 17.68 -25.76 -3.06
N ASN A 15 17.87 -26.91 -2.38
CA ASN A 15 16.96 -28.06 -2.37
C ASN A 15 16.59 -28.50 -3.81
N ASN A 16 17.63 -28.75 -4.65
CA ASN A 16 17.53 -29.18 -6.07
C ASN A 16 16.88 -28.06 -6.91
N PHE A 17 17.27 -26.77 -6.67
CA PHE A 17 16.71 -25.60 -7.35
C PHE A 17 15.18 -25.68 -7.26
N ASP A 18 14.68 -25.78 -6.02
CA ASP A 18 13.26 -25.89 -5.68
C ASP A 18 12.52 -24.63 -6.13
N GLU A 19 11.78 -24.75 -7.27
CA GLU A 19 11.02 -23.67 -7.91
C GLU A 19 9.80 -23.19 -7.13
N ARG A 20 9.43 -23.88 -6.04
CA ARG A 20 8.30 -23.49 -5.18
C ARG A 20 8.71 -22.25 -4.40
N PRO A 21 7.80 -21.29 -4.11
CA PRO A 21 8.19 -20.11 -3.31
C PRO A 21 8.62 -20.50 -1.89
N ILE A 22 9.42 -19.63 -1.22
CA ILE A 22 9.91 -19.86 0.15
C ILE A 22 8.76 -20.17 1.12
N SER A 23 7.65 -19.40 1.00
CA SER A 23 6.41 -19.51 1.80
C SER A 23 5.80 -20.94 1.82
N VAL A 24 5.89 -21.67 0.69
CA VAL A 24 5.34 -23.02 0.51
C VAL A 24 6.40 -24.11 0.86
N ASN A 27 12.54 -22.81 -2.49
CA ASN A 27 13.69 -21.91 -2.40
C ASN A 27 13.61 -20.69 -3.34
N LYS A 28 12.54 -20.61 -4.17
CA LYS A 28 12.35 -19.51 -5.12
C LYS A 28 12.08 -18.19 -4.42
N MET A 29 12.93 -17.20 -4.72
CA MET A 29 12.80 -15.84 -4.20
C MET A 29 12.29 -14.91 -5.29
N GLY A 30 12.61 -15.24 -6.54
CA GLY A 30 12.21 -14.45 -7.69
C GLY A 30 12.42 -15.13 -9.02
N GLU A 31 11.79 -14.58 -10.06
CA GLU A 31 11.84 -15.08 -11.43
C GLU A 31 11.59 -13.95 -12.46
N GLY A 35 16.44 -15.18 -15.35
CA GLY A 35 16.34 -16.54 -14.83
C GLY A 35 15.50 -16.66 -13.57
N VAL A 36 15.95 -17.51 -12.63
CA VAL A 36 15.29 -17.76 -11.34
C VAL A 36 16.33 -17.55 -10.22
N VAL A 37 15.93 -16.87 -9.15
CA VAL A 37 16.79 -16.61 -8.00
C VAL A 37 16.31 -17.49 -6.85
N TYR A 38 17.24 -18.22 -6.25
CA TYR A 38 16.96 -19.13 -5.15
C TYR A 38 17.71 -18.74 -3.90
N LYS A 39 17.13 -19.05 -2.75
CA LYS A 39 17.78 -18.85 -1.47
C LYS A 39 18.63 -20.11 -1.22
N GLY A 40 19.89 -19.90 -0.91
CA GLY A 40 20.84 -20.96 -0.60
C GLY A 40 21.54 -20.70 0.72
N TYR A 41 22.29 -21.71 1.20
CA TYR A 41 23.01 -21.60 2.46
C TYR A 41 24.37 -22.26 2.29
N VAL A 42 25.44 -21.43 2.25
CA VAL A 42 26.82 -21.96 2.19
C VAL A 42 27.37 -21.75 3.62
N ASN A 43 27.66 -22.88 4.29
CA ASN A 43 28.10 -23.06 5.69
C ASN A 43 27.06 -22.43 6.61
N ASN A 44 27.39 -21.30 7.22
CA ASN A 44 26.46 -20.59 8.09
C ASN A 44 26.17 -19.21 7.49
N THR A 45 26.05 -19.15 6.16
CA THR A 45 25.79 -17.92 5.42
C THR A 45 24.67 -18.13 4.42
N THR A 46 23.66 -17.25 4.46
CA THR A 46 22.57 -17.29 3.50
C THR A 46 23.07 -16.56 2.27
N VAL A 47 22.77 -17.11 1.08
CA VAL A 47 23.19 -16.56 -0.21
C VAL A 47 22.01 -16.51 -1.19
N ALA A 48 22.14 -15.71 -2.26
CA ALA A 48 21.17 -15.64 -3.34
C ALA A 48 21.85 -16.29 -4.53
N VAL A 49 21.21 -17.31 -5.10
CA VAL A 49 21.74 -18.04 -6.25
C VAL A 49 20.88 -17.74 -7.48
N LYS A 50 21.44 -17.04 -8.47
CA LYS A 50 20.71 -16.76 -9.71
C LYS A 50 21.10 -17.83 -10.72
N LYS A 51 20.13 -18.64 -11.17
CA LYS A 51 20.35 -19.66 -12.19
C LYS A 51 19.90 -19.04 -13.51
N LEU A 52 20.85 -18.74 -14.40
CA LEU A 52 20.55 -18.10 -15.69
C LEU A 52 19.72 -19.00 -16.64
N ALA A 53 18.72 -18.40 -17.30
CA ALA A 53 17.81 -19.08 -18.24
C ALA A 53 17.85 -18.44 -19.62
N THR A 59 19.75 -15.12 -27.41
CA THR A 59 20.34 -16.44 -27.64
C THR A 59 21.18 -16.94 -26.45
N THR A 60 21.65 -18.22 -26.53
CA THR A 60 22.51 -18.89 -25.54
C THR A 60 23.88 -18.18 -25.50
N GLU A 61 24.37 -17.74 -26.68
CA GLU A 61 25.64 -17.00 -26.84
C GLU A 61 25.55 -15.65 -26.10
N GLU A 62 24.41 -14.95 -26.26
CA GLU A 62 24.14 -13.65 -25.65
C GLU A 62 24.09 -13.75 -24.13
N LEU A 63 23.53 -14.85 -23.59
CA LEU A 63 23.43 -15.09 -22.15
C LEU A 63 24.80 -15.32 -21.54
N LYS A 64 25.68 -16.09 -22.24
CA LYS A 64 27.05 -16.34 -21.79
C LYS A 64 27.86 -15.02 -21.73
N GLN A 65 27.62 -14.12 -22.73
CA GLN A 65 28.24 -12.79 -22.79
C GLN A 65 27.81 -11.95 -21.59
N GLN A 66 26.50 -11.99 -21.22
CA GLN A 66 25.92 -11.28 -20.07
C GLN A 66 26.54 -11.81 -18.77
N PHE A 67 26.75 -13.15 -18.66
CA PHE A 67 27.36 -13.86 -17.52
C PHE A 67 28.81 -13.37 -17.35
N ASP A 68 29.63 -13.45 -18.43
CA ASP A 68 31.03 -13.02 -18.43
C ASP A 68 31.17 -11.53 -18.09
N GLN A 69 30.30 -10.69 -18.70
CA GLN A 69 30.26 -9.22 -18.52
C GLN A 69 29.96 -8.85 -17.09
N GLU A 70 28.93 -9.47 -16.49
CA GLU A 70 28.51 -9.23 -15.12
C GLU A 70 29.64 -9.53 -14.15
N ILE A 71 30.33 -10.70 -14.30
CA ILE A 71 31.46 -11.07 -13.46
C ILE A 71 32.57 -10.01 -13.57
N LYS A 72 32.85 -9.56 -14.82
CA LYS A 72 33.86 -8.54 -15.12
C LYS A 72 33.54 -7.22 -14.39
N VAL A 73 32.26 -6.78 -14.43
CA VAL A 73 31.81 -5.56 -13.75
C VAL A 73 31.97 -5.72 -12.23
N MET A 74 31.55 -6.88 -11.68
CA MET A 74 31.61 -7.21 -10.25
C MET A 74 33.03 -7.29 -9.71
N ALA A 75 33.98 -7.73 -10.54
CA ALA A 75 35.38 -7.85 -10.17
C ALA A 75 36.01 -6.47 -9.99
N LYS A 76 35.56 -5.48 -10.78
CA LYS A 76 36.06 -4.11 -10.77
C LYS A 76 35.31 -3.20 -9.81
N CYS A 77 34.00 -3.42 -9.64
CA CYS A 77 33.15 -2.54 -8.85
C CYS A 77 32.75 -3.09 -7.48
N GLN A 78 33.60 -2.81 -6.48
CA GLN A 78 33.36 -3.22 -5.09
C GLN A 78 33.15 -1.97 -4.24
N HIS A 79 31.93 -1.82 -3.64
CA HIS A 79 31.55 -0.64 -2.87
C HIS A 79 30.41 -0.97 -1.91
N GLU A 80 30.31 -0.24 -0.78
CA GLU A 80 29.26 -0.39 0.23
C GLU A 80 27.84 -0.35 -0.35
N ASN A 81 27.63 0.41 -1.45
CA ASN A 81 26.31 0.56 -2.05
C ASN A 81 26.12 -0.21 -3.35
N LEU A 82 26.87 -1.30 -3.52
CA LEU A 82 26.74 -2.20 -4.67
C LEU A 82 26.62 -3.62 -4.13
N VAL A 83 25.74 -4.43 -4.73
CA VAL A 83 25.59 -5.83 -4.32
C VAL A 83 26.94 -6.53 -4.51
N GLU A 84 27.33 -7.38 -3.55
CA GLU A 84 28.59 -8.11 -3.65
C GLU A 84 28.38 -9.51 -4.23
N LEU A 85 29.19 -9.86 -5.23
CA LEU A 85 29.21 -11.19 -5.84
C LEU A 85 30.15 -12.03 -4.98
N LEU A 86 29.70 -13.23 -4.63
CA LEU A 86 30.48 -14.17 -3.82
C LEU A 86 31.14 -15.23 -4.67
N GLY A 87 30.48 -15.61 -5.76
CA GLY A 87 30.99 -16.62 -6.66
C GLY A 87 30.12 -16.90 -7.86
N PHE A 88 30.49 -17.93 -8.62
CA PHE A 88 29.81 -18.29 -9.85
C PHE A 88 29.94 -19.79 -10.09
N SER A 89 29.16 -20.30 -11.04
CA SER A 89 29.22 -21.68 -11.52
C SER A 89 28.96 -21.68 -13.02
N SER A 90 29.83 -22.34 -13.79
CA SER A 90 29.70 -22.48 -15.23
C SER A 90 29.88 -23.94 -15.69
N ASP A 91 30.10 -24.87 -14.74
CA ASP A 91 30.28 -26.30 -15.03
C ASP A 91 28.94 -27.05 -15.11
N ASP A 94 24.54 -24.79 -18.00
CA ASP A 94 24.06 -24.27 -16.72
C ASP A 94 24.99 -23.19 -16.15
N LEU A 95 24.44 -22.00 -15.94
CA LEU A 95 25.19 -20.85 -15.41
C LEU A 95 24.52 -20.32 -14.14
N CYS A 96 25.32 -20.15 -13.07
CA CYS A 96 24.84 -19.62 -11.78
C CYS A 96 25.73 -18.50 -11.26
N LEU A 97 25.13 -17.50 -10.63
CA LEU A 97 25.83 -16.40 -9.97
C LEU A 97 25.39 -16.41 -8.52
N VAL A 98 26.35 -16.32 -7.59
CA VAL A 98 26.09 -16.37 -6.14
C VAL A 98 26.40 -15.02 -5.51
N TYR A 99 25.42 -14.44 -4.82
CA TYR A 99 25.57 -13.13 -4.22
C TYR A 99 25.33 -13.17 -2.73
N VAL A 100 25.77 -12.08 -2.05
CA VAL A 100 25.48 -11.84 -0.64
C VAL A 100 23.95 -11.65 -0.60
N TYR A 101 23.29 -12.37 0.31
CA TYR A 101 21.85 -12.31 0.47
C TYR A 101 21.45 -10.98 1.11
N MET A 102 20.47 -10.29 0.51
CA MET A 102 19.94 -9.01 0.98
C MET A 102 18.61 -9.34 1.68
N PRO A 103 18.60 -9.40 3.04
CA PRO A 103 17.38 -9.86 3.73
C PRO A 103 16.12 -9.00 3.58
N ASN A 104 16.27 -7.72 3.18
CA ASN A 104 15.12 -6.85 3.05
C ASN A 104 14.69 -6.64 1.59
N GLY A 105 15.12 -7.54 0.69
CA GLY A 105 14.73 -7.54 -0.72
C GLY A 105 14.93 -6.24 -1.48
N SER A 106 14.05 -5.92 -2.44
CA SER A 106 14.17 -4.72 -3.25
C SER A 106 13.42 -3.54 -2.70
N LEU A 107 13.85 -2.33 -3.11
CA LEU A 107 13.17 -1.10 -2.76
C LEU A 107 11.76 -1.12 -3.36
N LEU A 108 11.58 -1.70 -4.57
CA LEU A 108 10.28 -1.83 -5.23
C LEU A 108 9.30 -2.55 -4.29
N ASP A 109 9.72 -3.69 -3.76
CA ASP A 109 8.88 -4.52 -2.89
C ASP A 109 8.65 -3.90 -1.53
N ARG A 110 9.63 -3.15 -0.99
CA ARG A 110 9.45 -2.46 0.28
C ARG A 110 8.54 -1.27 0.14
N LEU A 111 8.57 -0.61 -1.04
CA LEU A 111 7.66 0.53 -1.29
C LEU A 111 6.20 0.04 -1.44
N SER A 112 6.01 -1.16 -1.98
CA SER A 112 4.69 -1.73 -2.18
C SER A 112 4.23 -2.51 -0.94
N CYS A 113 5.11 -2.67 0.07
CA CYS A 113 4.86 -3.42 1.32
C CYS A 113 4.52 -4.88 1.03
N LEU A 114 5.13 -5.44 -0.01
CA LEU A 114 4.93 -6.83 -0.40
C LEU A 114 5.14 -7.78 0.77
N ASP A 115 4.26 -8.78 0.89
CA ASP A 115 4.29 -9.80 1.93
C ASP A 115 4.07 -9.25 3.35
N GLY A 116 3.51 -8.05 3.45
CA GLY A 116 3.13 -7.48 4.74
C GLY A 116 4.19 -6.80 5.54
N THR A 117 5.25 -6.37 4.87
CA THR A 117 6.31 -5.63 5.52
C THR A 117 5.80 -4.21 5.84
N PRO A 118 6.24 -3.57 6.95
CA PRO A 118 5.73 -2.22 7.24
C PRO A 118 6.27 -1.15 6.30
N PRO A 119 5.48 -0.07 6.05
CA PRO A 119 5.98 0.99 5.17
C PRO A 119 7.29 1.61 5.64
N LEU A 120 8.14 2.03 4.70
CA LEU A 120 9.40 2.70 5.00
C LEU A 120 9.09 4.14 5.46
N SER A 121 9.77 4.60 6.51
CA SER A 121 9.60 5.96 7.00
C SER A 121 10.29 6.92 6.02
N TRP A 122 9.99 8.23 6.12
CA TRP A 122 10.65 9.23 5.30
C TRP A 122 12.16 9.24 5.60
N HIS A 123 12.52 9.11 6.89
CA HIS A 123 13.89 9.04 7.35
C HIS A 123 14.65 7.93 6.61
N MET A 124 14.07 6.72 6.59
CA MET A 124 14.69 5.58 5.91
C MET A 124 14.78 5.80 4.39
N ARG A 125 13.73 6.37 3.80
CA ARG A 125 13.68 6.69 2.38
C ARG A 125 14.81 7.63 1.98
N CYS A 126 15.11 8.66 2.82
CA CYS A 126 16.22 9.58 2.57
C CYS A 126 17.56 8.89 2.58
N LYS A 127 17.79 8.00 3.54
CA LYS A 127 19.03 7.21 3.66
C LYS A 127 19.20 6.32 2.41
N ILE A 128 18.11 5.67 1.98
CA ILE A 128 18.12 4.80 0.81
C ILE A 128 18.45 5.58 -0.48
N ALA A 129 17.85 6.77 -0.66
CA ALA A 129 18.10 7.63 -1.82
C ALA A 129 19.59 8.05 -1.84
N GLN A 130 20.14 8.43 -0.68
CA GLN A 130 21.55 8.81 -0.53
C GLN A 130 22.49 7.65 -0.86
N GLY A 131 22.16 6.47 -0.33
CA GLY A 131 22.92 5.25 -0.54
C GLY A 131 22.94 4.85 -2.00
N ALA A 132 21.77 4.85 -2.64
CA ALA A 132 21.66 4.55 -4.07
C ALA A 132 22.49 5.52 -4.94
N ALA A 133 22.44 6.84 -4.63
CA ALA A 133 23.22 7.85 -5.35
C ALA A 133 24.72 7.60 -5.17
N ASN A 134 25.14 7.15 -3.96
CA ASN A 134 26.54 6.83 -3.67
C ASN A 134 27.03 5.67 -4.52
N GLY A 135 26.16 4.66 -4.71
CA GLY A 135 26.45 3.49 -5.54
C GLY A 135 26.61 3.87 -7.00
N ILE A 136 25.68 4.70 -7.53
CA ILE A 136 25.73 5.18 -8.90
C ILE A 136 26.99 6.04 -9.11
N ASN A 137 27.34 6.88 -8.11
CA ASN A 137 28.55 7.70 -8.16
C ASN A 137 29.79 6.85 -8.32
N PHE A 138 29.89 5.75 -7.55
CA PHE A 138 31.02 4.83 -7.67
C PHE A 138 31.10 4.28 -9.09
N LEU A 139 29.96 3.86 -9.66
CA LEU A 139 29.91 3.34 -11.04
C LEU A 139 30.37 4.37 -12.05
N HIS A 140 29.83 5.61 -11.98
CA HIS A 140 30.18 6.68 -12.92
C HIS A 140 31.62 7.16 -12.77
N GLU A 141 32.15 7.20 -11.51
CA GLU A 141 33.55 7.55 -11.25
C GLU A 141 34.49 6.54 -11.92
N ASN A 142 34.05 5.28 -11.97
CA ASN A 142 34.80 4.17 -12.54
C ASN A 142 34.40 3.85 -13.99
N HIS A 143 33.79 4.84 -14.69
CA HIS A 143 33.42 4.84 -16.10
C HIS A 143 32.53 3.65 -16.51
N HIS A 144 31.53 3.35 -15.68
CA HIS A 144 30.56 2.32 -15.96
C HIS A 144 29.18 2.97 -16.05
N ILE A 145 28.33 2.48 -16.95
CA ILE A 145 26.95 2.94 -17.12
C ILE A 145 26.11 1.72 -16.74
N HIS A 146 25.18 1.89 -15.78
CA HIS A 146 24.35 0.80 -15.30
C HIS A 146 23.37 0.28 -16.37
N ARG A 147 22.60 1.20 -16.99
CA ARG A 147 21.63 0.98 -18.07
C ARG A 147 20.28 0.40 -17.61
N ASP A 148 20.13 0.06 -16.34
CA ASP A 148 18.86 -0.46 -15.84
C ASP A 148 18.60 -0.06 -14.38
N ILE A 149 18.78 1.24 -14.07
CA ILE A 149 18.50 1.78 -12.76
C ILE A 149 16.98 1.81 -12.60
N LYS A 150 16.49 1.14 -11.56
CA LYS A 150 15.09 1.05 -11.20
C LYS A 150 15.00 0.56 -9.78
N SER A 151 13.85 0.75 -9.12
CA SER A 151 13.66 0.33 -7.71
C SER A 151 13.80 -1.19 -7.50
N ALA A 152 13.49 -2.00 -8.52
CA ALA A 152 13.66 -3.47 -8.44
C ALA A 152 15.16 -3.84 -8.37
N ASN A 153 16.05 -2.93 -8.87
CA ASN A 153 17.50 -3.11 -8.89
C ASN A 153 18.21 -2.36 -7.74
N ILE A 154 17.46 -1.98 -6.71
CA ILE A 154 18.04 -1.38 -5.51
C ILE A 154 17.65 -2.33 -4.40
N LEU A 155 18.61 -3.12 -3.91
CA LEU A 155 18.37 -4.09 -2.86
C LEU A 155 18.68 -3.52 -1.49
N LEU A 156 18.17 -4.15 -0.43
CA LEU A 156 18.28 -3.63 0.93
C LEU A 156 18.79 -4.66 1.88
N ASP A 157 19.92 -4.36 2.53
CA ASP A 157 20.53 -5.29 3.46
C ASP A 157 19.85 -5.25 4.85
N GLU A 158 20.48 -5.90 5.86
CA GLU A 158 20.02 -6.00 7.26
C GLU A 158 19.78 -4.66 7.95
N ALA A 159 20.41 -3.58 7.46
CA ALA A 159 20.30 -2.24 8.02
C ALA A 159 19.63 -1.30 7.06
N PHE A 160 18.97 -1.85 6.01
CA PHE A 160 18.29 -1.13 4.94
C PHE A 160 19.27 -0.23 4.17
N THR A 161 20.54 -0.66 4.08
CA THR A 161 21.53 0.02 3.26
C THR A 161 21.21 -0.33 1.81
N ALA A 162 21.14 0.70 0.94
CA ALA A 162 20.85 0.56 -0.49
C ALA A 162 22.02 -0.09 -1.19
N LYS A 163 21.71 -1.10 -2.01
CA LYS A 163 22.70 -1.87 -2.77
C LYS A 163 22.25 -1.93 -4.23
N ILE A 164 22.97 -1.24 -5.13
CA ILE A 164 22.68 -1.29 -6.57
C ILE A 164 22.96 -2.72 -7.05
N SER A 165 22.00 -3.28 -7.77
CA SER A 165 21.99 -4.66 -8.27
C SER A 165 21.86 -4.73 -9.79
N ASP A 166 22.01 -5.95 -10.33
CA ASP A 166 21.85 -6.33 -11.74
C ASP A 166 22.75 -5.55 -12.69
N PHE A 167 23.99 -6.00 -12.78
CA PHE A 167 24.99 -5.42 -13.65
C PHE A 167 25.10 -6.20 -14.99
N GLY A 168 24.05 -6.97 -15.32
CA GLY A 168 23.96 -7.76 -16.53
C GLY A 168 23.96 -6.95 -17.82
N LEU A 169 23.49 -5.67 -17.74
CA LEU A 169 23.44 -4.75 -18.88
C LEU A 169 24.52 -3.66 -18.82
N ALA A 170 25.25 -3.56 -17.68
CA ALA A 170 26.30 -2.55 -17.44
C ALA A 170 27.40 -2.54 -18.50
N ARG A 171 27.78 -1.33 -18.95
CA ARG A 171 28.80 -1.08 -19.99
C ARG A 171 29.91 -0.15 -19.51
N ALA A 172 31.16 -0.47 -19.86
CA ALA A 172 32.33 0.34 -19.51
C ALA A 172 32.54 1.38 -20.60
N TPO A 179 28.28 9.16 -25.56
CA TPO A 179 27.70 9.50 -26.85
CB TPO A 179 27.92 11.02 -27.13
CG2 TPO A 179 27.12 11.41 -28.40
OG1 TPO A 179 27.24 11.77 -26.06
P TPO A 179 27.96 12.30 -24.79
O1P TPO A 179 27.96 13.83 -24.81
O2P TPO A 179 29.39 11.76 -24.61
O3P TPO A 179 27.19 11.83 -23.57
C TPO A 179 28.20 8.42 -27.84
O TPO A 179 29.07 8.66 -28.68
N VAL A 180 27.60 7.24 -27.69
CA VAL A 180 27.77 5.90 -28.29
C VAL A 180 26.34 5.43 -28.62
N MET A 181 26.15 4.63 -29.70
CA MET A 181 24.83 4.11 -30.13
C MET A 181 24.78 2.58 -30.14
N TPO A 182 23.56 2.02 -30.01
CA TPO A 182 23.32 0.57 -30.03
CB TPO A 182 23.26 -0.09 -28.61
CG2 TPO A 182 22.09 0.36 -27.72
OG1 TPO A 182 23.27 -1.55 -28.63
P TPO A 182 24.66 -2.28 -28.77
O1P TPO A 182 25.02 -2.23 -30.23
O2P TPO A 182 24.55 -3.64 -28.09
O3P TPO A 182 25.95 -1.82 -28.11
C TPO A 182 22.11 0.18 -30.88
O TPO A 182 21.10 0.91 -30.89
N SEP A 183 22.20 -0.98 -31.57
CA SEP A 183 21.10 -1.52 -32.38
CB SEP A 183 21.67 -2.24 -33.61
OG SEP A 183 22.02 -3.63 -33.54
C SEP A 183 20.15 -2.34 -31.47
O SEP A 183 19.00 -2.59 -31.86
P SEP A 183 22.76 -4.12 -34.80
O1P SEP A 183 22.24 -3.58 -36.14
O2P SEP A 183 22.60 -5.63 -34.95
O3P SEP A 183 24.23 -3.79 -34.57
N ARG A 184 20.66 -2.76 -30.29
CA ARG A 184 19.92 -3.55 -29.30
C ARG A 184 19.57 -2.67 -28.10
N ILE A 185 18.39 -2.02 -28.18
CA ILE A 185 17.89 -1.13 -27.13
C ILE A 185 17.43 -1.99 -25.94
N VAL A 186 18.10 -1.80 -24.79
CA VAL A 186 17.80 -2.53 -23.54
C VAL A 186 17.51 -1.55 -22.39
N GLY A 187 16.90 -2.08 -21.33
CA GLY A 187 16.47 -1.32 -20.15
C GLY A 187 15.00 -1.53 -19.88
N THR A 188 14.44 -0.73 -18.96
CA THR A 188 13.02 -0.82 -18.57
C THR A 188 12.33 0.46 -19.03
N THR A 189 11.41 0.35 -20.01
CA THR A 189 10.75 1.47 -20.69
C THR A 189 10.23 2.58 -19.75
N ALA A 190 9.53 2.23 -18.65
CA ALA A 190 8.99 3.21 -17.70
C ALA A 190 10.04 4.07 -16.96
N TYR A 191 11.32 3.68 -17.02
CA TYR A 191 12.43 4.37 -16.37
C TYR A 191 13.40 5.01 -17.34
N MET A 192 13.29 4.67 -18.63
CA MET A 192 14.23 5.10 -19.65
C MET A 192 14.12 6.53 -20.11
N ALA A 193 15.29 7.16 -20.25
CA ALA A 193 15.45 8.51 -20.78
C ALA A 193 15.08 8.51 -22.27
N PRO A 194 14.57 9.64 -22.82
CA PRO A 194 14.24 9.65 -24.26
C PRO A 194 15.40 9.21 -25.17
N GLU A 195 16.63 9.67 -24.90
CA GLU A 195 17.81 9.29 -25.71
C GLU A 195 18.13 7.78 -25.60
N ALA A 196 17.87 7.17 -24.43
CA ALA A 196 18.12 5.73 -24.21
C ALA A 196 17.13 4.92 -25.05
N LEU A 197 15.88 5.40 -25.16
CA LEU A 197 14.83 4.78 -25.96
C LEU A 197 15.17 4.81 -27.45
N ARG A 198 16.02 5.77 -27.85
CA ARG A 198 16.51 5.97 -29.20
C ARG A 198 17.80 5.21 -29.52
N GLY A 199 18.38 4.58 -28.52
CA GLY A 199 19.60 3.79 -28.70
C GLY A 199 20.91 4.37 -28.22
N GLU A 200 20.90 5.60 -27.66
CA GLU A 200 22.11 6.22 -27.09
C GLU A 200 22.53 5.51 -25.79
N ILE A 201 23.85 5.40 -25.54
CA ILE A 201 24.41 4.81 -24.32
C ILE A 201 25.20 5.92 -23.63
N THR A 202 24.70 6.43 -22.49
CA THR A 202 25.32 7.54 -21.73
C THR A 202 25.01 7.49 -20.22
N PRO A 203 25.95 7.91 -19.32
CA PRO A 203 25.64 7.92 -17.87
C PRO A 203 24.51 8.91 -17.54
N LYS A 204 24.24 9.87 -18.44
CA LYS A 204 23.16 10.85 -18.30
C LYS A 204 21.77 10.18 -18.27
N SER A 205 21.64 9.00 -18.93
CA SER A 205 20.42 8.20 -18.94
C SER A 205 20.19 7.56 -17.55
N ASP A 206 21.30 7.18 -16.86
CA ASP A 206 21.22 6.61 -15.50
C ASP A 206 20.62 7.66 -14.54
N ILE A 207 20.98 8.93 -14.73
CA ILE A 207 20.47 10.06 -13.95
C ILE A 207 18.95 10.17 -14.09
N TYR A 208 18.45 10.12 -15.34
CA TYR A 208 17.03 10.18 -15.65
C TYR A 208 16.30 9.07 -14.90
N SER A 209 16.75 7.81 -15.05
CA SER A 209 16.17 6.65 -14.38
C SER A 209 16.17 6.81 -12.86
N PHE A 210 17.23 7.41 -12.30
CA PHE A 210 17.30 7.68 -10.86
C PHE A 210 16.22 8.67 -10.44
N GLY A 211 15.90 9.64 -11.32
CA GLY A 211 14.81 10.60 -11.13
C GLY A 211 13.48 9.90 -10.93
N VAL A 212 13.21 8.84 -11.72
CA VAL A 212 12.00 8.03 -11.61
C VAL A 212 11.99 7.30 -10.25
N VAL A 213 13.14 6.74 -9.85
CA VAL A 213 13.28 6.06 -8.55
C VAL A 213 12.94 7.05 -7.42
N LEU A 214 13.45 8.29 -7.49
CA LEU A 214 13.15 9.31 -6.48
C LEU A 214 11.66 9.59 -6.42
N LEU A 215 10.96 9.62 -7.57
CA LEU A 215 9.51 9.80 -7.56
C LEU A 215 8.83 8.62 -6.90
N GLU A 216 9.33 7.38 -7.12
CA GLU A 216 8.79 6.18 -6.46
C GLU A 216 8.95 6.29 -4.95
N ILE A 217 10.09 6.79 -4.49
CA ILE A 217 10.36 6.98 -3.05
C ILE A 217 9.42 8.01 -2.45
N ILE A 218 9.18 9.14 -3.15
CA ILE A 218 8.30 10.18 -2.62
C ILE A 218 6.85 9.72 -2.54
N THR A 219 6.37 9.08 -3.61
CA THR A 219 4.97 8.72 -3.81
C THR A 219 4.53 7.34 -3.38
N GLY A 220 5.47 6.39 -3.34
CA GLY A 220 5.21 4.99 -3.06
C GLY A 220 4.50 4.31 -4.22
N LEU A 221 4.42 4.98 -5.40
CA LEU A 221 3.72 4.47 -6.57
C LEU A 221 4.64 3.73 -7.52
N PRO A 222 4.19 2.66 -8.21
CA PRO A 222 5.07 2.02 -9.22
C PRO A 222 5.27 2.95 -10.44
N ALA A 223 6.41 2.80 -11.15
CA ALA A 223 6.78 3.62 -12.31
C ALA A 223 5.76 3.57 -13.43
N VAL A 224 5.06 2.43 -13.57
CA VAL A 224 3.99 2.26 -14.54
C VAL A 224 2.81 1.51 -13.88
N ASP A 225 1.60 1.95 -14.18
CA ASP A 225 0.36 1.34 -13.70
C ASP A 225 -0.68 1.56 -14.77
N GLU A 226 -1.02 0.49 -15.50
CA GLU A 226 -2.01 0.51 -16.59
C GLU A 226 -3.41 0.98 -16.13
N HIS A 227 -3.74 0.74 -14.85
CA HIS A 227 -4.99 1.14 -14.21
C HIS A 227 -4.72 2.43 -13.38
N ARG A 228 -4.06 3.45 -13.99
CA ARG A 228 -3.77 4.74 -13.35
C ARG A 228 -3.71 5.89 -14.38
N GLU A 229 -4.08 7.11 -13.93
CA GLU A 229 -3.97 8.34 -14.69
C GLU A 229 -3.02 9.30 -13.92
N PRO A 230 -1.79 9.60 -14.40
CA PRO A 230 -1.16 9.10 -15.62
C PRO A 230 -0.63 7.67 -15.44
N GLN A 231 -0.55 6.90 -16.54
CA GLN A 231 -0.04 5.52 -16.47
C GLN A 231 1.44 5.51 -16.04
N LEU A 232 2.22 6.48 -16.55
CA LEU A 232 3.64 6.60 -16.24
C LEU A 232 3.87 7.61 -15.16
N LEU A 233 4.57 7.18 -14.10
CA LEU A 233 4.88 8.03 -12.97
C LEU A 233 5.63 9.31 -13.35
N LEU A 234 6.58 9.22 -14.32
CA LEU A 234 7.36 10.39 -14.74
C LEU A 234 6.47 11.55 -15.25
N ASP A 235 5.24 11.26 -15.70
CA ASP A 235 4.30 12.26 -16.18
C ASP A 235 3.73 13.15 -15.08
N ILE A 236 3.89 12.78 -13.78
CA ILE A 236 3.40 13.62 -12.69
C ILE A 236 4.19 14.94 -12.62
N LYS A 237 5.44 14.96 -13.14
CA LYS A 237 6.29 16.16 -13.24
C LYS A 237 5.55 17.24 -14.02
N GLU A 238 4.91 16.85 -15.15
CA GLU A 238 4.13 17.76 -16.00
C GLU A 238 2.89 18.27 -15.31
N GLU A 239 2.18 17.39 -14.56
CA GLU A 239 0.98 17.75 -13.80
C GLU A 239 1.30 18.80 -12.74
N ILE A 240 2.45 18.65 -12.06
CA ILE A 240 2.93 19.58 -11.02
C ILE A 240 3.36 20.91 -11.67
N GLU A 241 4.14 20.84 -12.77
CA GLU A 241 4.61 22.01 -13.52
C GLU A 241 3.46 22.85 -14.08
N ASP A 242 2.38 22.18 -14.56
CA ASP A 242 1.19 22.84 -15.12
C ASP A 242 0.17 23.24 -14.04
N GLU A 243 0.53 23.06 -12.75
CA GLU A 243 -0.25 23.39 -11.54
C GLU A 243 -1.62 22.67 -11.45
N GLU A 244 -1.74 21.51 -12.11
CA GLU A 244 -2.94 20.65 -12.08
C GLU A 244 -2.94 19.87 -10.75
N LYS A 245 -1.73 19.58 -10.23
CA LYS A 245 -1.47 18.88 -8.99
C LYS A 245 -0.26 19.51 -8.28
N THR A 246 -0.05 19.14 -7.02
CA THR A 246 1.07 19.58 -6.19
C THR A 246 1.86 18.35 -5.78
N ILE A 247 3.14 18.51 -5.35
CA ILE A 247 3.90 17.36 -4.87
C ILE A 247 3.21 16.83 -3.60
N GLU A 248 2.60 17.74 -2.79
CA GLU A 248 1.83 17.43 -1.58
C GLU A 248 0.74 16.39 -1.85
N ASP A 249 0.01 16.55 -2.96
CA ASP A 249 -1.04 15.64 -3.41
C ASP A 249 -0.52 14.22 -3.63
N TYR A 250 0.75 14.09 -4.07
CA TYR A 250 1.35 12.82 -4.42
C TYR A 250 2.22 12.16 -3.35
N ILE A 251 2.53 12.85 -2.23
CA ILE A 251 3.32 12.29 -1.13
C ILE A 251 2.65 11.01 -0.64
N ASP A 252 3.45 9.93 -0.51
CA ASP A 252 2.95 8.65 -0.02
C ASP A 252 2.25 8.86 1.32
N LYS A 253 0.98 8.44 1.42
CA LYS A 253 0.20 8.59 2.64
C LYS A 253 0.61 7.55 3.71
N LYS A 254 1.43 6.55 3.33
CA LYS A 254 1.93 5.51 4.21
C LYS A 254 3.18 5.94 5.03
N MET A 255 3.36 7.23 5.25
CA MET A 255 4.45 7.79 6.08
C MET A 255 3.81 8.75 7.05
N ASN A 256 4.38 8.93 8.24
CA ASN A 256 3.88 9.92 9.22
C ASN A 256 4.94 11.01 9.51
N ASP A 257 6.17 10.82 9.03
CA ASP A 257 7.33 11.66 9.31
C ASP A 257 7.88 12.48 8.14
N ALA A 258 7.14 12.58 7.04
CA ALA A 258 7.58 13.40 5.91
C ALA A 258 7.29 14.88 6.24
N ASP A 259 8.20 15.75 5.87
CA ASP A 259 8.01 17.19 6.07
C ASP A 259 8.13 17.81 4.70
N SER A 260 7.34 18.85 4.44
CA SER A 260 7.27 19.57 3.17
C SER A 260 8.61 19.99 2.61
N THR A 261 9.50 20.55 3.45
CA THR A 261 10.80 21.07 3.04
C THR A 261 11.66 20.00 2.41
N SER A 262 11.89 18.89 3.12
CA SER A 262 12.74 17.82 2.58
C SER A 262 12.09 17.08 1.42
N VAL A 263 10.76 16.90 1.44
CA VAL A 263 10.06 16.27 0.31
C VAL A 263 10.23 17.14 -0.94
N GLU A 264 10.04 18.47 -0.82
CA GLU A 264 10.22 19.40 -1.93
C GLU A 264 11.66 19.41 -2.43
N ALA A 265 12.64 19.26 -1.52
CA ALA A 265 14.06 19.18 -1.84
C ALA A 265 14.33 17.91 -2.64
N MET A 266 13.77 16.74 -2.25
CA MET A 266 13.96 15.51 -3.02
C MET A 266 13.26 15.62 -4.38
N TYR A 267 12.05 16.22 -4.40
CA TYR A 267 11.32 16.43 -5.64
C TYR A 267 12.11 17.31 -6.62
N SER A 268 12.78 18.37 -6.11
CA SER A 268 13.60 19.28 -6.92
C SER A 268 14.72 18.49 -7.59
N VAL A 269 15.36 17.56 -6.84
CA VAL A 269 16.40 16.67 -7.38
C VAL A 269 15.80 15.80 -8.49
N ALA A 270 14.66 15.14 -8.22
CA ALA A 270 13.96 14.26 -9.19
C ALA A 270 13.61 15.03 -10.45
N SER A 271 13.05 16.25 -10.31
CA SER A 271 12.68 17.13 -11.42
C SER A 271 13.88 17.46 -12.30
N GLN A 272 15.03 17.80 -11.69
CA GLN A 272 16.29 18.10 -12.39
C GLN A 272 16.81 16.86 -13.15
N CYS A 273 16.76 15.67 -12.52
CA CYS A 273 17.16 14.40 -13.14
C CYS A 273 16.32 14.09 -14.36
N LEU A 274 15.03 14.46 -14.31
CA LEU A 274 14.04 14.16 -15.34
C LEU A 274 13.97 15.17 -16.47
N HIS A 275 14.97 16.07 -16.59
CA HIS A 275 15.03 17.03 -17.70
C HIS A 275 15.09 16.23 -18.99
N GLU A 276 14.22 16.56 -19.95
CA GLU A 276 14.14 15.86 -21.22
C GLU A 276 15.45 15.93 -22.01
N LYS A 277 16.18 17.05 -21.87
CA LYS A 277 17.48 17.31 -22.52
C LYS A 277 18.59 16.78 -21.63
N LYS A 278 19.28 15.71 -22.07
CA LYS A 278 20.33 15.04 -21.31
C LYS A 278 21.43 15.96 -20.74
N ASN A 279 21.85 16.96 -21.48
CA ASN A 279 22.91 17.89 -21.06
C ASN A 279 22.47 18.88 -19.98
N LYS A 280 21.15 19.04 -19.79
CA LYS A 280 20.59 19.94 -18.76
C LYS A 280 20.40 19.24 -17.40
N ARG A 281 20.57 17.90 -17.36
CA ARG A 281 20.45 17.11 -16.15
C ARG A 281 21.70 17.29 -15.26
N PRO A 282 21.58 17.19 -13.92
CA PRO A 282 22.79 17.26 -13.08
C PRO A 282 23.59 15.97 -13.22
N ASP A 283 24.90 16.00 -12.91
CA ASP A 283 25.69 14.77 -12.91
C ASP A 283 25.47 14.09 -11.55
N ILE A 284 25.92 12.85 -11.38
CA ILE A 284 25.73 12.11 -10.14
C ILE A 284 26.35 12.82 -8.89
N LYS A 285 27.50 13.51 -9.04
CA LYS A 285 28.14 14.23 -7.94
C LYS A 285 27.24 15.36 -7.45
N LYS A 286 26.57 16.07 -8.36
CA LYS A 286 25.62 17.12 -8.02
C LYS A 286 24.40 16.51 -7.32
N VAL A 287 23.91 15.36 -7.83
CA VAL A 287 22.77 14.64 -7.23
C VAL A 287 23.09 14.28 -5.77
N GLN A 288 24.31 13.74 -5.51
CA GLN A 288 24.77 13.39 -4.16
C GLN A 288 24.77 14.61 -3.25
N GLN A 289 25.36 15.73 -3.73
CA GLN A 289 25.45 17.00 -3.01
C GLN A 289 24.07 17.48 -2.60
N LEU A 290 23.13 17.49 -3.55
CA LEU A 290 21.76 17.93 -3.30
C LEU A 290 21.03 17.06 -2.28
N LEU A 291 21.20 15.73 -2.37
CA LEU A 291 20.59 14.79 -1.42
C LEU A 291 21.23 14.92 -0.04
N GLN A 292 22.52 15.28 0.04
CA GLN A 292 23.21 15.50 1.32
C GLN A 292 22.68 16.78 1.96
N GLU A 293 22.51 17.85 1.16
CA GLU A 293 21.98 19.15 1.61
C GLU A 293 20.55 19.02 2.16
N MET A 294 19.75 18.10 1.58
CA MET A 294 18.36 17.79 1.96
C MET A 294 18.24 17.39 3.45
N THR A 295 19.24 16.64 3.97
CA THR A 295 19.25 16.17 5.37
C THR A 295 20.30 16.91 6.21
N ARG B 1 -27.18 6.75 31.61
CA ARG B 1 -27.48 7.45 30.35
C ARG B 1 -26.18 7.89 29.63
N PHE B 2 -26.23 8.98 28.84
CA PHE B 2 -25.06 9.55 28.16
C PHE B 2 -24.82 10.89 28.86
N HIS B 3 -23.61 11.46 28.78
CA HIS B 3 -23.32 12.74 29.42
C HIS B 3 -23.58 13.97 28.55
N SER B 4 -24.16 15.01 29.15
CA SER B 4 -24.39 16.26 28.45
C SER B 4 -23.15 17.12 28.75
N PHE B 5 -22.37 17.46 27.70
CA PHE B 5 -21.15 18.25 27.85
C PHE B 5 -21.32 19.72 27.48
N SER B 6 -20.58 20.60 28.18
CA SER B 6 -20.56 22.00 27.78
C SER B 6 -19.61 22.07 26.60
N PHE B 7 -20.00 22.88 25.60
CA PHE B 7 -19.21 23.09 24.41
C PHE B 7 -17.77 23.54 24.78
N TYR B 8 -17.64 24.38 25.84
CA TYR B 8 -16.34 24.87 26.27
C TYR B 8 -15.46 23.76 26.83
N GLU B 9 -16.05 22.75 27.49
CA GLU B 9 -15.28 21.63 28.00
C GLU B 9 -14.64 20.90 26.82
N LEU B 10 -15.42 20.66 25.75
CA LEU B 10 -14.96 19.97 24.53
C LEU B 10 -13.92 20.80 23.76
N LYS B 11 -14.11 22.13 23.74
CA LYS B 11 -13.14 23.04 23.13
C LYS B 11 -11.83 22.93 23.92
N ASN B 12 -11.90 22.91 25.23
CA ASN B 12 -10.64 22.92 25.90
C ASN B 12 -9.95 21.54 26.10
N VAL B 13 -10.66 20.42 25.98
CA VAL B 13 -10.01 19.09 26.03
C VAL B 13 -9.38 18.69 24.66
N THR B 14 -9.67 19.45 23.59
CA THR B 14 -9.14 19.22 22.24
C THR B 14 -8.04 20.24 21.91
N ASN B 15 -7.42 20.83 22.98
CA ASN B 15 -6.31 21.79 22.99
C ASN B 15 -6.61 23.05 22.20
N ASN B 16 -8.64 23.80 22.08
CA ASN B 16 -9.38 24.72 21.24
C ASN B 16 -9.50 24.15 19.84
N PHE B 17 -9.90 22.86 19.72
CA PHE B 17 -10.12 22.14 18.47
C PHE B 17 -8.88 22.27 17.55
N ASP B 18 -7.67 21.89 18.11
CA ASP B 18 -6.35 21.90 17.44
C ASP B 18 -6.48 21.15 16.11
N GLU B 19 -6.61 21.89 14.98
CA GLU B 19 -6.78 21.36 13.63
C GLU B 19 -5.51 20.70 13.06
N ARG B 20 -4.35 20.73 13.79
CA ARG B 20 -3.12 20.04 13.36
C ARG B 20 -3.35 18.53 13.54
N PRO B 21 -2.81 17.67 12.63
CA PRO B 21 -3.01 16.21 12.80
C PRO B 21 -2.33 15.67 14.06
N ILE B 22 -2.78 14.49 14.55
CA ILE B 22 -2.21 13.81 15.74
C ILE B 22 -0.68 13.68 15.63
N SER B 23 -0.20 13.24 14.44
CA SER B 23 1.21 13.02 14.05
C SER B 23 2.11 14.22 14.32
N VAL B 24 1.61 15.47 14.12
CA VAL B 24 2.34 16.72 14.32
C VAL B 24 2.19 17.25 15.77
N GLY B 25 1.57 16.44 16.63
CA GLY B 25 1.33 16.78 18.02
C GLY B 25 0.03 17.53 18.25
N GLY B 26 -0.90 17.43 17.29
CA GLY B 26 -2.20 18.10 17.33
C GLY B 26 -3.32 17.20 17.79
N ASN B 27 -4.57 17.60 17.47
CA ASN B 27 -5.76 16.88 17.88
C ASN B 27 -6.66 16.40 16.72
N LYS B 28 -6.40 16.82 15.47
CA LYS B 28 -7.24 16.40 14.34
C LYS B 28 -7.03 14.93 14.00
N MET B 29 -8.14 14.18 13.99
CA MET B 29 -8.11 12.76 13.65
C MET B 29 -8.59 12.53 12.21
N GLY B 30 -9.59 13.31 11.80
CA GLY B 30 -10.16 13.25 10.46
C GLY B 30 -11.17 14.33 10.18
N GLU B 31 -11.49 14.50 8.90
CA GLU B 31 -12.45 15.49 8.41
C GLU B 31 -13.52 14.82 7.52
N GLY B 32 -13.62 13.51 7.68
CA GLY B 32 -14.61 12.71 7.00
C GLY B 32 -15.97 12.88 7.65
N GLY B 33 -16.97 12.26 7.03
CA GLY B 33 -18.36 12.29 7.47
C GLY B 33 -18.99 13.66 7.43
N PHE B 34 -19.72 14.00 8.50
CA PHE B 34 -20.39 15.28 8.61
C PHE B 34 -19.66 16.26 9.51
N GLY B 35 -18.34 16.31 9.42
CA GLY B 35 -17.60 17.27 10.23
C GLY B 35 -16.15 16.98 10.40
N VAL B 36 -15.59 17.36 11.56
CA VAL B 36 -14.18 17.16 11.93
C VAL B 36 -14.16 16.40 13.27
N VAL B 37 -13.30 15.38 13.33
CA VAL B 37 -13.13 14.56 14.50
C VAL B 37 -11.81 14.96 15.14
N TYR B 38 -11.88 15.21 16.47
CA TYR B 38 -10.73 15.61 17.28
C TYR B 38 -10.54 14.67 18.44
N LYS B 39 -9.28 14.42 18.80
CA LYS B 39 -8.92 13.63 19.94
C LYS B 39 -9.00 14.57 21.17
N GLY B 40 -9.66 14.12 22.21
CA GLY B 40 -9.83 14.88 23.43
C GLY B 40 -9.47 14.03 24.62
N TYR B 41 -9.33 14.65 25.78
CA TYR B 41 -9.04 13.93 27.01
C TYR B 41 -9.98 14.46 28.11
N VAL B 42 -11.06 13.72 28.41
CA VAL B 42 -11.99 14.10 29.49
C VAL B 42 -11.53 13.31 30.73
N ASN B 43 -10.96 14.01 31.73
CA ASN B 43 -10.48 13.36 32.96
C ASN B 43 -9.71 12.04 32.71
N ASN B 44 -8.52 12.08 32.10
CA ASN B 44 -7.66 10.91 31.82
C ASN B 44 -8.24 9.90 30.80
N THR B 45 -9.52 10.06 30.36
CA THR B 45 -10.21 9.22 29.37
C THR B 45 -10.12 9.90 28.02
N THR B 46 -9.48 9.20 27.04
CA THR B 46 -9.31 9.72 25.67
C THR B 46 -10.61 9.52 24.97
N VAL B 47 -11.05 10.57 24.26
CA VAL B 47 -12.33 10.54 23.57
C VAL B 47 -12.22 11.06 22.16
N ALA B 48 -13.22 10.75 21.32
CA ALA B 48 -13.31 11.25 19.95
C ALA B 48 -14.46 12.19 19.97
N VAL B 49 -14.17 13.44 19.56
CA VAL B 49 -15.17 14.49 19.52
C VAL B 49 -15.43 14.81 18.07
N LYS B 50 -16.65 14.49 17.63
CA LYS B 50 -17.04 14.82 16.28
C LYS B 50 -17.79 16.13 16.40
N LYS B 51 -17.21 17.20 15.82
CA LYS B 51 -17.84 18.51 15.78
C LYS B 51 -18.60 18.54 14.44
N LEU B 52 -19.94 18.54 14.49
CA LEU B 52 -20.78 18.51 13.29
C LEU B 52 -20.73 19.81 12.48
N THR B 60 -29.43 22.82 8.31
CA THR B 60 -29.25 22.91 9.76
C THR B 60 -30.24 22.00 10.50
N GLU B 61 -31.53 22.00 10.08
CA GLU B 61 -32.60 21.17 10.68
C GLU B 61 -32.34 19.69 10.44
N GLU B 62 -31.79 19.34 9.26
CA GLU B 62 -31.46 17.96 8.87
C GLU B 62 -30.31 17.42 9.72
N LEU B 63 -29.29 18.27 10.00
CA LEU B 63 -28.11 17.93 10.81
C LEU B 63 -28.51 17.65 12.25
N LYS B 64 -29.43 18.49 12.81
CA LYS B 64 -29.95 18.31 14.18
C LYS B 64 -30.73 17.00 14.30
N GLN B 65 -31.49 16.64 13.24
CA GLN B 65 -32.26 15.39 13.17
C GLN B 65 -31.32 14.19 13.19
N GLN B 66 -30.19 14.26 12.43
CA GLN B 66 -29.15 13.22 12.35
C GLN B 66 -28.49 13.04 13.72
N PHE B 67 -28.24 14.16 14.42
CA PHE B 67 -27.66 14.24 15.75
C PHE B 67 -28.60 13.49 16.72
N ASP B 68 -29.90 13.85 16.71
CA ASP B 68 -30.95 13.25 17.55
C ASP B 68 -31.15 11.75 17.27
N GLN B 69 -31.13 11.37 15.98
CA GLN B 69 -31.32 9.99 15.51
C GLN B 69 -30.20 9.07 16.03
N GLU B 70 -28.97 9.53 15.85
CA GLU B 70 -27.78 8.79 16.25
C GLU B 70 -27.79 8.52 17.74
N ILE B 71 -28.13 9.53 18.57
CA ILE B 71 -28.21 9.39 20.02
C ILE B 71 -29.23 8.30 20.38
N LYS B 72 -30.40 8.34 19.71
CA LYS B 72 -31.50 7.40 19.90
C LYS B 72 -31.05 5.95 19.61
N VAL B 73 -30.34 5.74 18.48
CA VAL B 73 -29.83 4.42 18.09
C VAL B 73 -28.80 3.91 19.10
N MET B 74 -27.87 4.78 19.51
CA MET B 74 -26.78 4.47 20.46
C MET B 74 -27.29 4.08 21.84
N ALA B 75 -28.39 4.75 22.27
CA ALA B 75 -29.05 4.49 23.56
C ALA B 75 -29.66 3.09 23.62
N LYS B 76 -30.16 2.59 22.49
CA LYS B 76 -30.78 1.28 22.34
C LYS B 76 -29.77 0.16 21.98
N CYS B 77 -28.72 0.51 21.23
CA CYS B 77 -27.77 -0.48 20.71
C CYS B 77 -26.42 -0.48 21.41
N GLN B 78 -26.32 -1.26 22.48
CA GLN B 78 -25.07 -1.40 23.23
C GLN B 78 -24.50 -2.82 23.05
N HIS B 79 -23.30 -2.94 22.42
CA HIS B 79 -22.71 -4.24 22.09
C HIS B 79 -21.20 -4.12 21.89
N GLU B 80 -20.45 -5.19 22.15
CA GLU B 80 -18.99 -5.25 21.99
C GLU B 80 -18.51 -4.83 20.59
N ASN B 81 -19.32 -5.06 19.53
CA ASN B 81 -18.92 -4.74 18.16
C ASN B 81 -19.62 -3.52 17.60
N LEU B 82 -20.02 -2.58 18.48
CA LEU B 82 -20.61 -1.30 18.09
C LEU B 82 -19.87 -0.21 18.82
N VAL B 83 -19.63 0.92 18.16
CA VAL B 83 -18.97 2.06 18.81
C VAL B 83 -19.81 2.53 19.97
N GLU B 84 -19.17 3.00 21.04
CA GLU B 84 -19.89 3.46 22.22
C GLU B 84 -19.95 4.99 22.30
N LEU B 85 -21.17 5.51 22.41
CA LEU B 85 -21.38 6.95 22.57
C LEU B 85 -21.27 7.23 24.04
N LEU B 86 -20.48 8.25 24.40
CA LEU B 86 -20.26 8.66 25.77
C LEU B 86 -21.11 9.86 26.15
N GLY B 87 -21.32 10.75 25.18
CA GLY B 87 -22.12 11.96 25.38
C GLY B 87 -22.28 12.84 24.18
N PHE B 88 -22.73 14.06 24.41
CA PHE B 88 -23.02 15.00 23.35
C PHE B 88 -22.95 16.43 23.89
N SER B 89 -23.01 17.40 22.98
CA SER B 89 -23.08 18.82 23.30
C SER B 89 -23.96 19.51 22.26
N SER B 90 -24.94 20.33 22.70
CA SER B 90 -25.84 21.05 21.79
C SER B 90 -26.06 22.51 22.19
N ASP B 94 -23.63 25.05 17.68
CA ASP B 94 -22.57 24.04 17.64
C ASP B 94 -23.04 22.69 18.20
N LEU B 95 -22.94 21.59 17.38
CA LEU B 95 -23.34 20.23 17.77
C LEU B 95 -22.10 19.32 17.84
N CYS B 96 -21.91 18.60 18.95
CA CYS B 96 -20.79 17.65 19.10
C CYS B 96 -21.30 16.31 19.59
N LEU B 97 -20.65 15.22 19.16
CA LEU B 97 -20.94 13.88 19.64
C LEU B 97 -19.63 13.35 20.19
N VAL B 98 -19.66 12.76 21.41
CA VAL B 98 -18.46 12.28 22.10
C VAL B 98 -18.51 10.74 22.18
N TYR B 99 -17.46 10.10 21.69
CA TYR B 99 -17.41 8.66 21.66
C TYR B 99 -16.20 8.13 22.37
N VAL B 100 -16.23 6.81 22.66
CA VAL B 100 -15.10 6.07 23.16
C VAL B 100 -14.05 6.14 22.01
N TYR B 101 -12.82 6.52 22.35
CA TYR B 101 -11.75 6.64 21.37
C TYR B 101 -11.28 5.27 20.92
N MET B 102 -11.21 5.09 19.59
CA MET B 102 -10.76 3.84 18.95
C MET B 102 -9.32 4.10 18.49
N PRO B 103 -8.30 3.61 19.23
CA PRO B 103 -6.90 3.96 18.90
C PRO B 103 -6.36 3.50 17.55
N ASN B 104 -7.00 2.48 16.93
CA ASN B 104 -6.52 1.95 15.66
C ASN B 104 -7.36 2.44 14.47
N GLY B 105 -8.12 3.53 14.64
CA GLY B 105 -8.89 4.18 13.57
C GLY B 105 -9.82 3.27 12.80
N SER B 106 -10.01 3.53 11.49
CA SER B 106 -10.91 2.76 10.66
C SER B 106 -10.24 1.61 9.94
N LEU B 107 -11.04 0.62 9.56
CA LEU B 107 -10.57 -0.49 8.74
C LEU B 107 -10.08 0.03 7.41
N LEU B 108 -10.73 1.08 6.86
CA LEU B 108 -10.31 1.69 5.58
C LEU B 108 -8.87 2.16 5.70
N ASP B 109 -8.57 2.93 6.77
CA ASP B 109 -7.25 3.47 7.05
C ASP B 109 -6.22 2.38 7.24
N ARG B 110 -6.57 1.31 7.96
CA ARG B 110 -5.65 0.19 8.21
C ARG B 110 -5.40 -0.63 6.97
N LEU B 111 -6.41 -0.74 6.09
CA LEU B 111 -6.22 -1.45 4.82
C LEU B 111 -5.31 -0.64 3.87
N SER B 112 -5.35 0.70 3.96
CA SER B 112 -4.51 1.55 3.13
C SER B 112 -3.14 1.80 3.77
N CYS B 113 -2.93 1.33 5.02
CA CYS B 113 -1.71 1.53 5.83
C CYS B 113 -1.39 2.98 6.05
N LEU B 114 -2.44 3.81 6.19
CA LEU B 114 -2.32 5.26 6.41
C LEU B 114 -1.40 5.54 7.60
N ASP B 115 -0.56 6.55 7.47
CA ASP B 115 0.36 7.01 8.49
C ASP B 115 1.45 5.96 8.86
N GLY B 116 1.66 4.98 7.98
CA GLY B 116 2.73 4.00 8.12
C GLY B 116 2.48 2.85 9.06
N THR B 117 1.22 2.53 9.30
CA THR B 117 0.84 1.41 10.13
C THR B 117 1.10 0.12 9.31
N PRO B 118 1.49 -1.00 9.95
CA PRO B 118 1.77 -2.21 9.16
C PRO B 118 0.52 -2.83 8.57
N PRO B 119 0.64 -3.49 7.39
CA PRO B 119 -0.52 -4.19 6.82
C PRO B 119 -1.16 -5.19 7.80
N LEU B 120 -2.49 -5.32 7.76
CA LEU B 120 -3.19 -6.28 8.59
C LEU B 120 -2.93 -7.69 8.04
N SER B 121 -2.67 -8.65 8.92
CA SER B 121 -2.45 -10.03 8.51
C SER B 121 -3.81 -10.63 8.06
N TRP B 122 -3.76 -11.76 7.34
CA TRP B 122 -4.98 -12.45 6.97
C TRP B 122 -5.74 -12.89 8.24
N HIS B 123 -4.99 -13.39 9.25
CA HIS B 123 -5.55 -13.79 10.54
C HIS B 123 -6.37 -12.65 11.16
N MET B 124 -5.78 -11.43 11.24
CA MET B 124 -6.46 -10.28 11.81
C MET B 124 -7.68 -9.88 10.97
N ARG B 125 -7.54 -9.92 9.64
CA ARG B 125 -8.63 -9.61 8.70
C ARG B 125 -9.83 -10.50 8.94
N CYS B 126 -9.61 -11.82 9.15
CA CYS B 126 -10.67 -12.77 9.44
C CYS B 126 -11.40 -12.43 10.74
N LYS B 127 -10.66 -12.09 11.81
CA LYS B 127 -11.22 -11.70 13.12
C LYS B 127 -12.06 -10.42 12.97
N ILE B 128 -11.56 -9.42 12.22
CA ILE B 128 -12.26 -8.17 11.97
C ILE B 128 -13.58 -8.40 11.20
N ALA B 129 -13.55 -9.26 10.15
CA ALA B 129 -14.74 -9.61 9.36
C ALA B 129 -15.80 -10.27 10.27
N GLN B 130 -15.37 -11.20 11.15
CA GLN B 130 -16.25 -11.88 12.10
C GLN B 130 -16.85 -10.90 13.12
N GLY B 131 -16.02 -10.00 13.67
CA GLY B 131 -16.44 -8.95 14.61
C GLY B 131 -17.45 -8.01 14.00
N ALA B 132 -17.18 -7.53 12.78
CA ALA B 132 -18.10 -6.66 12.03
C ALA B 132 -19.44 -7.34 11.77
N ALA B 133 -19.43 -8.64 11.37
CA ALA B 133 -20.67 -9.40 11.14
C ALA B 133 -21.46 -9.55 12.45
N ASN B 134 -20.75 -9.72 13.60
CA ASN B 134 -21.39 -9.81 14.92
C ASN B 134 -22.11 -8.51 15.29
N GLY B 135 -21.49 -7.37 14.96
CA GLY B 135 -22.08 -6.06 15.18
C GLY B 135 -23.33 -5.86 14.35
N ILE B 136 -23.27 -6.20 13.04
CA ILE B 136 -24.41 -6.10 12.13
C ILE B 136 -25.53 -7.02 12.61
N ASN B 137 -25.18 -8.24 13.07
CA ASN B 137 -26.17 -9.19 13.59
C ASN B 137 -26.92 -8.60 14.78
N PHE B 138 -26.22 -7.95 15.72
CA PHE B 138 -26.86 -7.29 16.86
C PHE B 138 -27.85 -6.25 16.36
N LEU B 139 -27.46 -5.42 15.38
CA LEU B 139 -28.34 -4.39 14.82
C LEU B 139 -29.59 -5.00 14.18
N HIS B 140 -29.42 -6.04 13.33
CA HIS B 140 -30.54 -6.69 12.65
C HIS B 140 -31.44 -7.45 13.62
N GLU B 141 -30.87 -8.08 14.67
CA GLU B 141 -31.66 -8.78 15.71
C GLU B 141 -32.55 -7.79 16.45
N ASN B 142 -32.07 -6.54 16.58
CA ASN B 142 -32.76 -5.45 17.24
C ASN B 142 -33.52 -4.52 16.29
N HIS B 143 -33.83 -5.04 15.09
CA HIS B 143 -34.64 -4.42 14.02
C HIS B 143 -34.14 -3.02 13.61
N HIS B 144 -32.82 -2.88 13.45
CA HIS B 144 -32.20 -1.65 12.98
C HIS B 144 -31.51 -1.94 11.67
N ILE B 145 -31.53 -0.97 10.75
CA ILE B 145 -30.85 -1.04 9.44
C ILE B 145 -29.80 0.05 9.50
N HIS B 146 -28.54 -0.31 9.28
CA HIS B 146 -27.43 0.65 9.36
C HIS B 146 -27.48 1.72 8.25
N ARG B 147 -27.63 1.29 6.99
CA ARG B 147 -27.76 2.12 5.76
C ARG B 147 -26.44 2.71 5.25
N ASP B 148 -25.32 2.55 5.99
CA ASP B 148 -24.03 3.05 5.53
C ASP B 148 -22.86 2.15 5.97
N ILE B 149 -23.00 0.83 5.75
CA ILE B 149 -21.93 -0.11 6.02
C ILE B 149 -20.84 0.11 4.98
N LYS B 150 -19.63 0.38 5.47
CA LYS B 150 -18.44 0.61 4.65
C LYS B 150 -17.24 0.49 5.57
N SER B 151 -16.03 0.28 5.01
CA SER B 151 -14.80 0.14 5.80
C SER B 151 -14.46 1.38 6.64
N ALA B 152 -14.84 2.59 6.18
CA ALA B 152 -14.63 3.82 6.96
C ALA B 152 -15.48 3.83 8.23
N ASN B 153 -16.61 3.04 8.24
CA ASN B 153 -17.53 2.92 9.37
C ASN B 153 -17.30 1.65 10.21
N ILE B 154 -16.12 1.05 10.09
CA ILE B 154 -15.72 -0.07 10.91
C ILE B 154 -14.49 0.42 11.62
N LEU B 155 -14.62 0.75 12.91
CA LEU B 155 -13.50 1.25 13.71
C LEU B 155 -12.82 0.13 14.45
N LEU B 156 -11.57 0.38 14.91
CA LEU B 156 -10.77 -0.65 15.53
C LEU B 156 -10.20 -0.19 16.85
N ASP B 157 -10.51 -0.94 17.92
CA ASP B 157 -10.04 -0.58 19.26
C ASP B 157 -8.59 -1.04 19.49
N GLU B 158 -8.10 -0.98 20.75
CA GLU B 158 -6.75 -1.36 21.19
C GLU B 158 -6.37 -2.78 20.85
N ALA B 159 -7.36 -3.67 20.70
CA ALA B 159 -7.16 -5.08 20.40
C ALA B 159 -7.60 -5.44 18.98
N PHE B 160 -7.84 -4.40 18.15
CA PHE B 160 -8.32 -4.51 16.75
C PHE B 160 -9.68 -5.17 16.70
N THR B 161 -10.50 -4.97 17.78
CA THR B 161 -11.88 -5.43 17.82
C THR B 161 -12.66 -4.49 16.89
N ALA B 162 -13.41 -5.08 15.95
CA ALA B 162 -14.24 -4.34 14.98
C ALA B 162 -15.41 -3.68 15.71
N LYS B 163 -15.62 -2.39 15.45
CA LYS B 163 -16.68 -1.58 16.07
C LYS B 163 -17.48 -0.86 14.97
N ILE B 164 -18.71 -1.31 14.69
CA ILE B 164 -19.55 -0.66 13.70
C ILE B 164 -19.85 0.76 14.19
N SER B 165 -19.67 1.75 13.32
CA SER B 165 -19.82 3.17 13.65
C SER B 165 -20.80 3.86 12.74
N ASP B 166 -21.08 5.13 13.08
CA ASP B 166 -21.92 6.05 12.34
C ASP B 166 -23.35 5.55 12.15
N PHE B 167 -24.16 5.73 13.19
CA PHE B 167 -25.57 5.36 13.23
C PHE B 167 -26.46 6.59 12.91
N GLY B 168 -25.86 7.61 12.29
CA GLY B 168 -26.52 8.84 11.86
C GLY B 168 -27.62 8.65 10.83
N LEU B 169 -27.49 7.59 10.02
CA LEU B 169 -28.47 7.23 8.98
C LEU B 169 -29.32 6.00 9.36
N ALA B 170 -28.97 5.32 10.47
CA ALA B 170 -29.66 4.12 10.96
C ALA B 170 -31.16 4.31 11.19
N ARG B 171 -31.97 3.33 10.74
CA ARG B 171 -33.44 3.34 10.85
C ARG B 171 -33.97 2.09 11.54
N ALA B 172 -34.97 2.27 12.41
CA ALA B 172 -35.64 1.16 13.10
C ALA B 172 -36.77 0.59 12.20
N SER B 173 -36.88 -0.75 12.12
CA SER B 173 -37.87 -1.47 11.31
C SER B 173 -38.49 -2.61 12.10
N VAL B 180 -39.99 -0.87 2.41
CA VAL B 180 -40.18 0.52 2.80
C VAL B 180 -39.41 1.37 1.77
N MET B 181 -39.94 2.54 1.36
CA MET B 181 -39.32 3.44 0.38
C MET B 181 -39.04 4.82 0.95
N TPO B 182 -38.06 5.54 0.38
CA TPO B 182 -37.68 6.89 0.78
CB TPO B 182 -36.48 6.95 1.79
CG2 TPO B 182 -35.10 6.45 1.25
OG1 TPO B 182 -36.27 8.26 2.39
P TPO B 182 -37.14 8.68 3.62
O1P TPO B 182 -38.36 9.40 3.09
O2P TPO B 182 -36.33 9.64 4.47
O3P TPO B 182 -37.64 7.54 4.53
C TPO B 182 -37.43 7.83 -0.41
O TPO B 182 -36.92 7.39 -1.44
N SEP B 183 -37.79 9.10 -0.26
CA SEP B 183 -37.59 10.14 -1.27
CB SEP B 183 -38.73 11.18 -1.24
OG SEP B 183 -38.95 11.75 0.07
C SEP B 183 -36.20 10.76 -1.09
O SEP B 183 -35.70 11.40 -2.02
P SEP B 183 -40.32 12.49 0.18
O1P SEP B 183 -40.45 13.63 -0.82
O2P SEP B 183 -40.41 13.02 1.61
O3P SEP B 183 -41.53 11.59 -0.02
N ARG B 184 -35.56 10.53 0.08
CA ARG B 184 -34.23 11.01 0.41
C ARG B 184 -33.24 9.83 0.44
N ILE B 185 -32.65 9.53 -0.73
CA ILE B 185 -31.68 8.45 -0.91
C ILE B 185 -30.33 8.83 -0.27
N VAL B 186 -29.91 8.06 0.74
CA VAL B 186 -28.66 8.28 1.48
C VAL B 186 -27.78 7.01 1.49
N GLY B 187 -26.50 7.18 1.81
CA GLY B 187 -25.50 6.11 1.85
C GLY B 187 -24.31 6.48 0.99
N THR B 188 -23.41 5.50 0.74
CA THR B 188 -22.19 5.70 -0.06
C THR B 188 -22.33 4.88 -1.33
N THR B 189 -22.42 5.55 -2.49
CA THR B 189 -22.71 4.95 -3.80
C THR B 189 -21.90 3.70 -4.12
N ALA B 190 -20.57 3.71 -3.88
CA ALA B 190 -19.68 2.57 -4.17
C ALA B 190 -19.99 1.29 -3.36
N TYR B 191 -20.80 1.40 -2.30
CA TYR B 191 -21.16 0.28 -1.42
C TYR B 191 -22.61 -0.09 -1.48
N MET B 192 -23.43 0.74 -2.11
CA MET B 192 -24.86 0.58 -2.12
C MET B 192 -25.41 -0.50 -3.01
N ALA B 193 -26.39 -1.24 -2.48
CA ALA B 193 -27.14 -2.26 -3.20
C ALA B 193 -27.99 -1.58 -4.28
N PRO B 194 -28.29 -2.26 -5.43
CA PRO B 194 -29.13 -1.61 -6.44
C PRO B 194 -30.46 -1.06 -5.89
N GLU B 195 -31.16 -1.85 -5.03
CA GLU B 195 -32.43 -1.42 -4.45
C GLU B 195 -32.27 -0.20 -3.52
N ALA B 196 -31.13 -0.07 -2.83
CA ALA B 196 -30.85 1.07 -1.94
C ALA B 196 -30.67 2.34 -2.77
N LEU B 197 -30.02 2.21 -3.94
CA LEU B 197 -29.82 3.32 -4.89
C LEU B 197 -31.15 3.82 -5.44
N ARG B 198 -32.18 2.94 -5.42
CA ARG B 198 -33.55 3.21 -5.91
C ARG B 198 -34.47 3.74 -4.82
N GLY B 199 -33.99 3.78 -3.59
CA GLY B 199 -34.78 4.30 -2.48
C GLY B 199 -35.33 3.31 -1.47
N GLU B 200 -35.15 1.99 -1.69
CA GLU B 200 -35.65 0.97 -0.76
C GLU B 200 -34.84 0.98 0.54
N ILE B 201 -35.52 0.71 1.67
CA ILE B 201 -34.89 0.63 2.99
C ILE B 201 -35.10 -0.81 3.50
N THR B 202 -34.01 -1.60 3.52
CA THR B 202 -34.05 -3.03 3.92
C THR B 202 -32.72 -3.52 4.54
N PRO B 203 -32.75 -4.45 5.54
CA PRO B 203 -31.46 -4.96 6.08
C PRO B 203 -30.66 -5.76 5.05
N LYS B 204 -31.33 -6.20 3.95
CA LYS B 204 -30.71 -6.92 2.84
C LYS B 204 -29.68 -6.03 2.12
N SER B 205 -29.87 -4.70 2.15
CA SER B 205 -28.93 -3.73 1.55
C SER B 205 -27.66 -3.67 2.39
N ASP B 206 -27.76 -3.83 3.74
CA ASP B 206 -26.61 -3.86 4.64
C ASP B 206 -25.71 -5.05 4.28
N ILE B 207 -26.32 -6.19 3.92
CA ILE B 207 -25.61 -7.41 3.52
C ILE B 207 -24.77 -7.14 2.26
N TYR B 208 -25.38 -6.50 1.25
CA TYR B 208 -24.70 -6.14 0.00
C TYR B 208 -23.46 -5.31 0.30
N SER B 209 -23.63 -4.22 1.08
CA SER B 209 -22.54 -3.33 1.47
C SER B 209 -21.44 -4.07 2.23
N PHE B 210 -21.82 -5.05 3.08
CA PHE B 210 -20.85 -5.88 3.79
C PHE B 210 -20.03 -6.72 2.81
N GLY B 211 -20.66 -7.16 1.71
CA GLY B 211 -19.99 -7.89 0.63
C GLY B 211 -18.87 -7.07 0.03
N VAL B 212 -19.08 -5.76 -0.17
CA VAL B 212 -18.06 -4.83 -0.68
C VAL B 212 -16.92 -4.72 0.35
N VAL B 213 -17.25 -4.60 1.64
CA VAL B 213 -16.25 -4.55 2.71
C VAL B 213 -15.39 -5.82 2.66
N LEU B 214 -16.00 -7.01 2.51
CA LEU B 214 -15.26 -8.27 2.41
C LEU B 214 -14.31 -8.25 1.23
N LEU B 215 -14.72 -7.67 0.08
CA LEU B 215 -13.80 -7.52 -1.06
C LEU B 215 -12.65 -6.58 -0.72
N GLU B 216 -12.91 -5.50 0.04
CA GLU B 216 -11.85 -4.59 0.49
C GLU B 216 -10.85 -5.31 1.39
N ILE B 217 -11.33 -6.19 2.27
CA ILE B 217 -10.50 -7.00 3.17
C ILE B 217 -9.64 -7.98 2.38
N ILE B 218 -10.21 -8.64 1.36
CA ILE B 218 -9.45 -9.60 0.56
C ILE B 218 -8.37 -8.93 -0.29
N THR B 219 -8.74 -7.83 -0.94
CA THR B 219 -7.91 -7.13 -1.93
C THR B 219 -7.05 -5.99 -1.44
N GLY B 220 -7.45 -5.36 -0.35
CA GLY B 220 -6.81 -4.16 0.19
C GLY B 220 -7.06 -2.94 -0.68
N LEU B 221 -8.00 -3.04 -1.65
CA LEU B 221 -8.32 -1.98 -2.58
C LEU B 221 -9.48 -1.12 -2.12
N PRO B 222 -9.50 0.21 -2.39
CA PRO B 222 -10.68 1.00 -2.04
C PRO B 222 -11.89 0.62 -2.92
N ALA B 223 -13.13 0.80 -2.40
CA ALA B 223 -14.37 0.48 -3.09
C ALA B 223 -14.53 1.19 -4.44
N VAL B 224 -13.96 2.39 -4.56
CA VAL B 224 -13.95 3.17 -5.79
C VAL B 224 -12.57 3.80 -5.99
N ASP B 225 -12.08 3.78 -7.24
CA ASP B 225 -10.81 4.36 -7.63
C ASP B 225 -10.96 4.79 -9.08
N GLU B 226 -11.06 6.12 -9.30
CA GLU B 226 -11.22 6.74 -10.63
C GLU B 226 -10.06 6.39 -11.59
N HIS B 227 -8.86 6.15 -11.02
CA HIS B 227 -7.64 5.78 -11.74
C HIS B 227 -7.46 4.24 -11.62
N ARG B 228 -8.53 3.46 -11.90
CA ARG B 228 -8.50 1.99 -11.87
C ARG B 228 -9.49 1.36 -12.84
N GLU B 229 -9.16 0.16 -13.36
CA GLU B 229 -10.03 -0.65 -14.20
C GLU B 229 -10.27 -2.00 -13.48
N PRO B 230 -11.50 -2.30 -12.98
CA PRO B 230 -12.71 -1.47 -12.98
C PRO B 230 -12.64 -0.40 -11.90
N GLN B 231 -13.35 0.72 -12.12
CA GLN B 231 -13.37 1.82 -11.15
C GLN B 231 -14.02 1.38 -9.82
N LEU B 232 -15.09 0.57 -9.91
CA LEU B 232 -15.81 0.05 -8.75
C LEU B 232 -15.36 -1.34 -8.42
N LEU B 233 -14.94 -1.53 -7.16
CA LEU B 233 -14.47 -2.81 -6.66
C LEU B 233 -15.50 -3.93 -6.85
N LEU B 234 -16.80 -3.67 -6.62
CA LEU B 234 -17.85 -4.67 -6.76
C LEU B 234 -17.88 -5.34 -8.15
N ASP B 235 -17.35 -4.63 -9.20
CA ASP B 235 -17.29 -5.15 -10.55
C ASP B 235 -16.27 -6.28 -10.74
N ILE B 236 -15.35 -6.50 -9.78
CA ILE B 236 -14.38 -7.60 -9.89
C ILE B 236 -15.10 -8.96 -9.82
N LYS B 237 -16.29 -9.02 -9.17
CA LYS B 237 -17.12 -10.22 -9.08
C LYS B 237 -17.44 -10.72 -10.51
N GLU B 238 -17.79 -9.80 -11.42
CA GLU B 238 -18.10 -10.10 -12.82
C GLU B 238 -16.87 -10.58 -13.58
N GLU B 239 -15.69 -9.95 -13.33
CA GLU B 239 -14.41 -10.34 -13.96
C GLU B 239 -14.03 -11.77 -13.58
N ILE B 240 -14.26 -12.13 -12.31
CA ILE B 240 -13.96 -13.48 -11.79
C ILE B 240 -14.96 -14.50 -12.36
N GLU B 241 -16.28 -14.15 -12.35
CA GLU B 241 -17.35 -15.00 -12.89
C GLU B 241 -17.18 -15.27 -14.38
N ASP B 242 -16.71 -14.26 -15.15
CA ASP B 242 -16.48 -14.39 -16.61
C ASP B 242 -15.10 -14.96 -16.94
N GLU B 243 -14.33 -15.40 -15.91
CA GLU B 243 -13.01 -16.02 -15.97
C GLU B 243 -11.92 -15.14 -16.62
N GLU B 244 -12.10 -13.81 -16.59
CA GLU B 244 -11.15 -12.81 -17.09
C GLU B 244 -10.02 -12.65 -16.06
N LYS B 245 -10.36 -12.86 -14.77
CA LYS B 245 -9.48 -12.79 -13.62
C LYS B 245 -9.86 -13.89 -12.62
N THR B 246 -8.98 -14.12 -11.63
CA THR B 246 -9.20 -15.10 -10.55
C THR B 246 -9.16 -14.32 -9.23
N ILE B 247 -9.70 -14.89 -8.13
CA ILE B 247 -9.61 -14.21 -6.84
C ILE B 247 -8.12 -14.11 -6.44
N GLU B 248 -7.31 -15.14 -6.82
CA GLU B 248 -5.85 -15.18 -6.59
C GLU B 248 -5.16 -13.92 -7.11
N ASP B 249 -5.54 -13.47 -8.33
CA ASP B 249 -5.01 -12.25 -8.97
C ASP B 249 -5.26 -11.00 -8.13
N TYR B 250 -6.37 -10.99 -7.39
CA TYR B 250 -6.80 -9.82 -6.60
C TYR B 250 -6.42 -9.84 -5.11
N ILE B 251 -5.92 -10.98 -4.57
CA ILE B 251 -5.53 -11.08 -3.16
C ILE B 251 -4.50 -9.99 -2.87
N ASP B 252 -4.71 -9.25 -1.78
CA ASP B 252 -3.82 -8.19 -1.33
C ASP B 252 -2.41 -8.76 -1.23
N LYS B 253 -1.46 -8.16 -1.95
CA LYS B 253 -0.06 -8.59 -1.97
C LYS B 253 0.66 -8.21 -0.65
N LYS B 254 0.02 -7.36 0.19
CA LYS B 254 0.56 -6.90 1.47
C LYS B 254 0.28 -7.88 2.64
N MET B 255 0.04 -9.16 2.34
CA MET B 255 -0.14 -10.20 3.35
C MET B 255 0.81 -11.32 3.01
N ASN B 256 1.29 -12.07 4.02
CA ASN B 256 2.17 -13.23 3.79
C ASN B 256 1.51 -14.53 4.30
N ASP B 257 0.38 -14.41 5.03
CA ASP B 257 -0.30 -15.52 5.69
C ASP B 257 -1.68 -15.89 5.12
N ALA B 258 -2.02 -15.40 3.94
CA ALA B 258 -3.29 -15.76 3.31
C ALA B 258 -3.13 -17.13 2.69
N ASP B 259 -4.14 -17.96 2.80
CA ASP B 259 -4.13 -19.28 2.18
C ASP B 259 -5.32 -19.31 1.27
N SER B 260 -5.18 -19.96 0.11
CA SER B 260 -6.21 -20.07 -0.93
C SER B 260 -7.57 -20.51 -0.42
N THR B 261 -7.62 -21.54 0.45
CA THR B 261 -8.86 -22.12 0.96
C THR B 261 -9.69 -21.09 1.71
N SER B 262 -9.12 -20.44 2.73
CA SER B 262 -9.88 -19.45 3.50
C SER B 262 -10.19 -18.17 2.70
N VAL B 263 -9.28 -17.75 1.80
CA VAL B 263 -9.54 -16.58 0.93
C VAL B 263 -10.74 -16.89 0.04
N GLU B 264 -10.76 -18.09 -0.59
CA GLU B 264 -11.87 -18.51 -1.44
C GLU B 264 -13.18 -18.61 -0.66
N ALA B 265 -13.09 -19.05 0.61
CA ALA B 265 -14.24 -19.14 1.52
C ALA B 265 -14.79 -17.74 1.82
N MET B 266 -13.91 -16.74 2.09
CA MET B 266 -14.39 -15.37 2.32
C MET B 266 -14.96 -14.78 1.04
N TYR B 267 -14.30 -15.05 -0.11
CA TYR B 267 -14.80 -14.59 -1.39
C TYR B 267 -16.19 -15.15 -1.71
N SER B 268 -16.43 -16.44 -1.38
CA SER B 268 -17.73 -17.08 -1.59
C SER B 268 -18.80 -16.34 -0.79
N VAL B 269 -18.50 -15.94 0.46
CA VAL B 269 -19.40 -15.14 1.32
C VAL B 269 -19.66 -13.78 0.64
N ALA B 270 -18.60 -13.07 0.21
CA ALA B 270 -18.70 -11.77 -0.47
C ALA B 270 -19.55 -11.86 -1.72
N SER B 271 -19.33 -12.90 -2.54
CA SER B 271 -20.08 -13.15 -3.79
C SER B 271 -21.56 -13.34 -3.51
N GLN B 272 -21.92 -14.12 -2.45
CA GLN B 272 -23.31 -14.36 -2.03
C GLN B 272 -23.96 -13.05 -1.55
N CYS B 273 -23.24 -12.24 -0.76
CA CYS B 273 -23.71 -10.94 -0.27
C CYS B 273 -24.02 -10.00 -1.43
N LEU B 274 -23.23 -10.08 -2.50
CA LEU B 274 -23.30 -9.20 -3.67
C LEU B 274 -24.29 -9.64 -4.75
N HIS B 275 -25.18 -10.60 -4.42
CA HIS B 275 -26.22 -11.02 -5.36
C HIS B 275 -27.07 -9.80 -5.68
N GLU B 276 -27.29 -9.54 -6.97
CA GLU B 276 -28.06 -8.37 -7.42
C GLU B 276 -29.50 -8.39 -6.90
N LYS B 277 -30.08 -9.60 -6.75
CA LYS B 277 -31.43 -9.83 -6.25
C LYS B 277 -31.39 -9.94 -4.73
N LYS B 278 -31.96 -8.95 -4.03
CA LYS B 278 -31.94 -8.86 -2.57
C LYS B 278 -32.40 -10.14 -1.82
N ASN B 279 -33.42 -10.83 -2.33
CA ASN B 279 -33.95 -12.03 -1.69
C ASN B 279 -33.05 -13.25 -1.83
N LYS B 280 -32.08 -13.21 -2.76
CA LYS B 280 -31.14 -14.32 -2.99
C LYS B 280 -29.87 -14.19 -2.11
N ARG B 281 -29.70 -13.05 -1.42
CA ARG B 281 -28.57 -12.81 -0.54
C ARG B 281 -28.75 -13.56 0.78
N PRO B 282 -27.67 -14.00 1.45
CA PRO B 282 -27.84 -14.64 2.76
C PRO B 282 -28.21 -13.58 3.81
N ASP B 283 -28.84 -13.98 4.92
CA ASP B 283 -29.12 -13.04 6.00
C ASP B 283 -27.85 -12.94 6.85
N ILE B 284 -27.79 -11.98 7.80
CA ILE B 284 -26.61 -11.79 8.63
C ILE B 284 -26.23 -13.06 9.46
N LYS B 285 -27.22 -13.83 9.95
CA LYS B 285 -26.95 -15.05 10.72
C LYS B 285 -26.21 -16.08 9.87
N LYS B 286 -26.59 -16.20 8.57
CA LYS B 286 -25.92 -17.10 7.62
C LYS B 286 -24.52 -16.59 7.35
N VAL B 287 -24.34 -15.25 7.19
CA VAL B 287 -23.03 -14.63 6.97
C VAL B 287 -22.08 -14.96 8.15
N GLN B 288 -22.57 -14.82 9.39
CA GLN B 288 -21.82 -15.16 10.61
C GLN B 288 -21.38 -16.62 10.59
N GLN B 289 -22.33 -17.55 10.30
CA GLN B 289 -22.11 -18.99 10.22
C GLN B 289 -21.00 -19.31 9.23
N LEU B 290 -21.09 -18.73 8.02
CA LEU B 290 -20.11 -18.95 6.96
C LEU B 290 -18.72 -18.44 7.32
N LEU B 291 -18.63 -17.25 7.97
CA LEU B 291 -17.37 -16.69 8.41
C LEU B 291 -16.79 -17.49 9.55
N GLN B 292 -17.64 -18.11 10.40
CA GLN B 292 -17.18 -18.97 11.50
C GLN B 292 -16.60 -20.25 10.93
N GLU B 293 -17.28 -20.84 9.93
CA GLU B 293 -16.86 -22.07 9.26
C GLU B 293 -15.50 -21.90 8.56
N MET B 294 -15.23 -20.68 8.03
CA MET B 294 -14.01 -20.29 7.34
C MET B 294 -12.76 -20.51 8.21
N THR B 295 -12.87 -20.25 9.54
CA THR B 295 -11.75 -20.38 10.49
C THR B 295 -11.94 -21.58 11.43
C1 CJN C . 21.06 -9.44 -7.70
C2 CJN C . 19.96 -10.26 -7.00
C3 CJN C . 19.84 -11.58 -7.77
C7 CJN C . 20.12 -10.81 -3.31
C9 CJN C . 18.24 -11.19 -1.97
C11 CJN C . 17.92 -10.83 -4.28
C13 CJN C . 15.54 -10.72 -5.08
C15 CJN C . 14.85 -11.17 -6.40
C16 CJN C . 13.34 -11.30 -6.13
C19 CJN C . 13.47 -9.35 -4.44
C20 CJN C . 15.00 -9.34 -4.65
C22 CJN C . 10.75 -10.88 -4.43
C24 CJN C . 19.33 -10.70 -4.49
N4 CJN C . 20.23 -10.45 -5.55
C5 CJN C . 21.50 -10.42 -5.04
C6 CJN C . 21.50 -10.63 -3.73
N8 CJN C . 19.54 -11.05 -2.12
N10 CJN C . 17.46 -11.05 -3.04
N12 CJN C . 17.00 -10.70 -5.31
C17 CJN C . 12.75 -9.93 -5.68
N21 CJN C . 11.27 -10.00 -5.48
C23 CJN C . 10.47 -10.06 -6.73
H14 CJN C . 15.30 -11.46 -4.31
H18 CJN C . 12.94 -9.22 -6.50
S SO4 D . -5.64 12.47 38.16
O1 SO4 D . -5.34 13.27 36.98
O2 SO4 D . -7.06 12.64 38.50
O3 SO4 D . -5.32 11.05 37.91
O4 SO4 D . -4.80 12.94 39.26
C1 CJN E . -17.80 7.71 14.79
C2 CJN E . -16.39 8.31 14.80
C3 CJN E . -16.54 9.83 14.86
C7 CJN E . -13.83 7.18 17.24
C9 CJN E . -11.57 7.21 16.77
C11 CJN E . -13.07 7.91 15.07
C13 CJN E . -12.03 8.52 12.89
C15 CJN E . -12.19 9.77 11.99
C16 CJN E . -10.88 9.95 11.20
C19 CJN E . -10.46 7.45 11.22
C20 CJN E . -11.74 7.26 12.06
C22 CJN E . -8.15 9.31 9.89
C24 CJN E . -14.16 7.69 15.95
N4 CJN E . -15.55 7.79 15.89
C5 CJN E . -16.04 7.39 17.11
C6 CJN E . -15.07 7.01 17.95
N8 CJN E . -12.55 6.96 17.60
N10 CJN E . -11.83 7.66 15.53
N12 CJN E . -13.23 8.36 13.77
C17 CJN E . -10.62 8.71 10.33
N21 CJN E . -9.47 8.87 9.39
C23 CJN E . -9.80 9.45 8.07
H14 CJN E . -11.16 8.71 13.52
H18 CJN E . -11.51 8.54 9.72
#